data_5CX3
#
_entry.id   5CX3
#
_cell.length_a   35.426
_cell.length_b   115.257
_cell.length_c   73.517
_cell.angle_alpha   90.00
_cell.angle_beta   102.29
_cell.angle_gamma   90.00
#
_symmetry.space_group_name_H-M   'P 1 21 1'
#
loop_
_entity.id
_entity.type
_entity.pdbx_description
1 polymer 'Microtubule-associated proteins 1A/1B light chain 3A'
2 polymer 'FYVE and coiled-coil domain-containing protein 1'
3 non-polymer GLYCEROL
4 water water
#
loop_
_entity_poly.entity_id
_entity_poly.type
_entity_poly.pdbx_seq_one_letter_code
_entity_poly.pdbx_strand_id
1 'polypeptide(L)'
;MPSDRPFKQRRSFADRCKEVQQIRDQHPSKIPVIIERYKGEKQLPVLDKTKFLVPDHVNMSELVKIIRRRLQLNPTQAFF
LLVNQHSMVSVSTPIADIYEQEKDEDGFLYMVYASQETFGF
;
A,B,C,D
2 'polypeptide(L)' RPPDDAVFDIITDEELCQIQESGSSLVPRGS E,F,G,H
#
loop_
_chem_comp.id
_chem_comp.type
_chem_comp.name
_chem_comp.formula
GOL non-polymer GLYCEROL 'C3 H8 O3'
#
# COMPACT_ATOMS: atom_id res chain seq x y z
N SER A 3 20.24 2.93 11.28
CA SER A 3 19.54 3.67 12.33
C SER A 3 20.29 5.00 12.65
N ASP A 4 19.60 5.99 13.21
CA ASP A 4 18.19 5.89 13.61
C ASP A 4 17.24 5.64 12.44
N ARG A 5 16.18 4.88 12.73
CA ARG A 5 15.11 4.65 11.80
C ARG A 5 13.89 5.42 12.26
N PRO A 6 12.78 5.32 11.52
CA PRO A 6 11.55 5.91 12.07
C PRO A 6 11.20 5.27 13.41
N PHE A 7 10.63 6.06 14.32
CA PHE A 7 10.12 5.56 15.59
C PHE A 7 9.23 4.29 15.44
N LYS A 8 8.40 4.23 14.41
CA LYS A 8 7.54 3.07 14.22
C LYS A 8 8.33 1.79 14.05
N GLN A 9 9.57 1.92 13.59
CA GLN A 9 10.42 0.76 13.35
C GLN A 9 11.30 0.44 14.54
N ARG A 10 11.44 1.39 15.47
CA ARG A 10 12.25 1.17 16.66
C ARG A 10 11.43 0.62 17.83
N ARG A 11 10.12 0.73 17.73
CA ARG A 11 9.23 0.27 18.79
C ARG A 11 8.17 -0.56 18.16
N SER A 12 7.93 -1.73 18.73
CA SER A 12 6.89 -2.59 18.23
C SER A 12 5.54 -1.87 18.33
N PHE A 13 4.65 -2.23 17.42
CA PHE A 13 3.28 -1.76 17.44
C PHE A 13 2.63 -2.04 18.80
N ALA A 14 2.82 -3.24 19.31
CA ALA A 14 2.31 -3.60 20.64
C ALA A 14 2.82 -2.63 21.72
N ASP A 15 4.11 -2.32 21.70
CA ASP A 15 4.64 -1.37 22.69
C ASP A 15 4.05 0.03 22.53
N ARG A 16 3.82 0.43 21.27
CA ARG A 16 3.31 1.77 20.97
C ARG A 16 1.83 1.88 21.40
N CYS A 17 1.04 0.87 21.07
CA CYS A 17 -0.36 0.81 21.49
CA CYS A 17 -0.36 0.81 21.49
C CYS A 17 -0.49 0.85 23.02
N LYS A 18 0.32 0.05 23.69
CA LYS A 18 0.28 0.04 25.14
C LYS A 18 0.66 1.38 25.74
N GLU A 19 1.69 2.00 25.16
CA GLU A 19 2.18 3.26 25.68
C GLU A 19 1.12 4.33 25.59
N VAL A 20 0.46 4.39 24.43
CA VAL A 20 -0.58 5.36 24.21
C VAL A 20 -1.74 5.17 25.19
N GLN A 21 -2.14 3.93 25.44
CA GLN A 21 -3.23 3.67 26.37
C GLN A 21 -2.87 4.22 27.74
N GLN A 22 -1.62 4.01 28.16
CA GLN A 22 -1.18 4.46 29.47
C GLN A 22 -1.06 5.97 29.63
N ILE A 23 -0.56 6.69 28.61
CA ILE A 23 -0.36 8.14 28.79
C ILE A 23 -1.69 8.86 28.74
N ARG A 24 -2.61 8.30 27.98
CA ARG A 24 -3.91 8.88 27.86
C ARG A 24 -4.63 8.71 29.18
N ASP A 25 -4.26 7.64 29.88
CA ASP A 25 -4.78 7.37 31.21
C ASP A 25 -4.20 8.35 32.26
N GLN A 26 -2.89 8.58 32.18
CA GLN A 26 -2.17 9.43 33.13
C GLN A 26 -2.25 10.91 32.77
N HIS A 27 -2.45 11.18 31.47
CA HIS A 27 -2.53 12.56 30.95
C HIS A 27 -3.69 12.73 29.98
N PRO A 28 -4.93 12.64 30.48
CA PRO A 28 -6.13 12.63 29.64
C PRO A 28 -6.30 13.88 28.76
N SER A 29 -5.71 15.01 29.13
CA SER A 29 -5.84 16.23 28.34
C SER A 29 -4.65 16.50 27.43
N LYS A 30 -3.84 15.47 27.19
CA LYS A 30 -2.68 15.62 26.32
C LYS A 30 -2.83 14.76 25.09
N ILE A 31 -2.44 15.32 23.95
CA ILE A 31 -2.43 14.58 22.70
C ILE A 31 -1.01 14.06 22.57
N PRO A 32 -0.84 12.72 22.41
CA PRO A 32 0.49 12.09 22.21
C PRO A 32 0.98 12.19 20.77
N VAL A 33 2.10 12.90 20.56
CA VAL A 33 2.56 13.21 19.22
C VAL A 33 4.00 12.77 19.00
N ILE A 34 4.22 12.05 17.91
CA ILE A 34 5.57 11.66 17.52
C ILE A 34 6.04 12.70 16.51
N ILE A 35 7.16 13.36 16.79
CA ILE A 35 7.64 14.38 15.87
C ILE A 35 9.06 14.07 15.48
N GLU A 36 9.27 13.86 14.19
CA GLU A 36 10.55 13.42 13.66
C GLU A 36 10.90 14.28 12.49
N ARG A 37 12.15 14.21 12.05
CA ARG A 37 12.58 14.88 10.84
C ARG A 37 11.97 14.18 9.64
N TYR A 38 11.56 14.99 8.67
CA TYR A 38 11.13 14.52 7.38
C TYR A 38 12.24 13.61 6.82
N LYS A 39 11.85 12.64 6.00
CA LYS A 39 12.81 11.68 5.47
C LYS A 39 13.93 12.29 4.64
N GLY A 40 15.16 12.12 5.10
CA GLY A 40 16.33 12.58 4.40
C GLY A 40 16.65 14.04 4.71
N GLU A 41 15.87 14.64 5.61
CA GLU A 41 16.13 16.01 6.04
C GLU A 41 17.34 16.05 6.95
N LYS A 42 18.35 16.81 6.57
CA LYS A 42 19.60 16.88 7.32
C LYS A 42 19.92 18.30 7.72
N GLN A 43 19.21 19.24 7.11
CA GLN A 43 19.48 20.66 7.26
C GLN A 43 18.99 21.18 8.63
N LEU A 44 17.82 20.70 9.06
CA LEU A 44 17.28 21.01 10.37
C LEU A 44 17.81 20.03 11.37
N PRO A 45 17.97 20.46 12.62
CA PRO A 45 18.53 19.58 13.65
C PRO A 45 17.50 18.60 14.21
N VAL A 46 18.02 17.58 14.89
CA VAL A 46 17.20 16.60 15.55
CA VAL A 46 17.22 16.58 15.57
C VAL A 46 16.78 17.17 16.89
N LEU A 47 15.60 16.76 17.36
CA LEU A 47 15.10 17.21 18.65
C LEU A 47 15.64 16.33 19.78
N ASP A 48 15.78 16.90 20.98
CA ASP A 48 16.16 16.13 22.17
CA ASP A 48 16.19 16.12 22.13
C ASP A 48 15.19 14.97 22.41
N LYS A 49 13.90 15.21 22.20
CA LYS A 49 12.88 14.17 22.45
C LYS A 49 11.98 13.96 21.23
N THR A 50 11.53 12.73 21.07
CA THR A 50 10.69 12.31 19.94
C THR A 50 9.21 12.37 20.30
N LYS A 51 8.87 12.03 21.54
CA LYS A 51 7.49 11.96 21.95
C LYS A 51 7.07 13.24 22.63
N PHE A 52 5.99 13.84 22.16
CA PHE A 52 5.46 15.05 22.78
C PHE A 52 4.10 14.81 23.40
N LEU A 53 3.85 15.55 24.47
CA LEU A 53 2.55 15.52 25.11
C LEU A 53 1.95 16.93 24.92
N VAL A 54 0.99 17.06 24.00
CA VAL A 54 0.48 18.39 23.62
C VAL A 54 -0.88 18.63 24.25
N PRO A 55 -1.02 19.76 25.01
CA PRO A 55 -2.33 20.14 25.61
C PRO A 55 -3.43 20.13 24.54
N ASP A 56 -4.56 19.45 24.80
CA ASP A 56 -5.50 19.15 23.71
C ASP A 56 -6.39 20.33 23.25
N HIS A 57 -6.37 21.46 23.99
CA HIS A 57 -7.19 22.65 23.67
C HIS A 57 -6.58 23.59 22.63
N VAL A 58 -5.31 23.35 22.34
CA VAL A 58 -4.49 24.20 21.48
C VAL A 58 -4.72 24.03 19.95
N ASN A 59 -4.38 25.04 19.17
CA ASN A 59 -4.41 24.93 17.71
C ASN A 59 -3.05 24.52 17.15
N MET A 60 -3.01 24.10 15.89
CA MET A 60 -1.77 23.70 15.22
C MET A 60 -0.69 24.77 15.32
N SER A 61 -1.09 26.03 15.21
CA SER A 61 -0.16 27.14 15.24
C SER A 61 0.68 27.17 16.52
N GLU A 62 0.07 26.79 17.65
CA GLU A 62 0.79 26.77 18.92
C GLU A 62 1.87 25.68 18.90
N LEU A 63 1.55 24.53 18.33
CA LEU A 63 2.53 23.46 18.19
C LEU A 63 3.68 23.88 17.27
N VAL A 64 3.35 24.48 16.13
CA VAL A 64 4.36 25.03 15.22
C VAL A 64 5.28 26.04 15.94
N LYS A 65 4.72 26.95 16.75
CA LYS A 65 5.58 27.92 17.45
C LYS A 65 6.52 27.21 18.44
N ILE A 66 6.03 26.19 19.13
CA ILE A 66 6.85 25.38 20.03
C ILE A 66 7.99 24.63 19.33
N ILE A 67 7.66 23.95 18.24
CA ILE A 67 8.67 23.20 17.50
C ILE A 67 9.71 24.18 16.96
N ARG A 68 9.23 25.33 16.52
CA ARG A 68 10.14 26.36 16.05
C ARG A 68 11.14 26.73 17.12
N ARG A 69 10.66 26.85 18.36
CA ARG A 69 11.53 27.16 19.49
C ARG A 69 12.40 25.96 19.93
N ARG A 70 11.86 24.74 19.94
CA ARG A 70 12.71 23.56 20.19
C ARG A 70 13.86 23.48 19.20
N LEU A 71 13.58 23.78 17.93
CA LEU A 71 14.58 23.72 16.88
C LEU A 71 15.57 24.87 16.88
N GLN A 72 15.25 25.93 17.61
CA GLN A 72 16.12 27.13 17.66
C GLN A 72 16.35 27.77 16.30
N LEU A 73 15.29 27.88 15.53
CA LEU A 73 15.39 28.51 14.22
C LEU A 73 15.43 30.01 14.43
N ASN A 74 16.15 30.70 13.57
CA ASN A 74 16.01 32.16 13.57
C ASN A 74 14.83 32.53 12.65
N PRO A 75 14.33 33.76 12.77
CA PRO A 75 13.18 34.26 12.00
C PRO A 75 13.28 33.99 10.50
N THR A 76 14.50 34.00 9.95
CA THR A 76 14.67 33.85 8.51
C THR A 76 14.48 32.40 8.03
N GLN A 77 14.67 31.43 8.93
CA GLN A 77 14.49 30.03 8.56
C GLN A 77 13.01 29.69 8.61
N ALA A 78 12.48 29.21 7.50
CA ALA A 78 11.08 28.78 7.47
C ALA A 78 11.04 27.24 7.48
N PHE A 79 10.00 26.63 8.06
CA PHE A 79 9.97 25.16 8.05
C PHE A 79 8.53 24.62 7.92
N PHE A 80 8.39 23.37 7.48
CA PHE A 80 7.06 22.73 7.41
C PHE A 80 6.86 21.69 8.52
N LEU A 81 5.70 21.70 9.15
CA LEU A 81 5.31 20.69 10.14
C LEU A 81 4.17 19.94 9.55
N LEU A 82 4.48 18.74 9.07
CA LEU A 82 3.57 17.93 8.27
C LEU A 82 3.01 16.77 9.05
N VAL A 83 1.78 16.36 8.72
CA VAL A 83 1.20 15.21 9.39
C VAL A 83 1.45 14.00 8.52
N ASN A 84 1.85 12.94 9.20
CA ASN A 84 2.25 11.70 8.58
C ASN A 84 3.45 11.94 7.68
N GLN A 85 3.36 11.58 6.40
CA GLN A 85 4.49 11.79 5.51
C GLN A 85 4.64 13.22 4.98
N HIS A 86 3.55 13.80 4.48
CA HIS A 86 3.65 15.14 3.89
C HIS A 86 2.31 15.93 3.89
N SER A 87 1.40 15.63 4.82
CA SER A 87 0.09 16.27 4.84
C SER A 87 0.14 17.64 5.49
N MET A 88 -0.38 18.63 4.77
CA MET A 88 -0.40 20.02 5.24
C MET A 88 -1.60 20.23 6.13
N VAL A 89 -1.38 20.89 7.26
CA VAL A 89 -2.43 21.10 8.22
C VAL A 89 -2.59 22.59 8.45
N SER A 90 -3.81 23.07 8.32
CA SER A 90 -4.08 24.48 8.57
C SER A 90 -3.69 24.86 9.98
N VAL A 91 -3.08 26.03 10.10
CA VAL A 91 -2.63 26.53 11.38
C VAL A 91 -3.77 26.91 12.34
N SER A 92 -4.97 27.18 11.83
CA SER A 92 -6.12 27.52 12.68
C SER A 92 -6.89 26.27 13.16
N THR A 93 -6.43 25.11 12.71
CA THR A 93 -7.07 23.84 13.04
C THR A 93 -6.70 23.37 14.44
N PRO A 94 -7.70 23.01 15.25
CA PRO A 94 -7.45 22.45 16.58
C PRO A 94 -6.67 21.13 16.55
N ILE A 95 -5.71 20.98 17.45
CA ILE A 95 -4.89 19.76 17.44
C ILE A 95 -5.72 18.51 17.79
N ALA A 96 -6.75 18.66 18.64
CA ALA A 96 -7.70 17.59 18.93
C ALA A 96 -8.41 17.10 17.68
N ASP A 97 -8.77 18.03 16.78
CA ASP A 97 -9.35 17.66 15.49
C ASP A 97 -8.35 16.91 14.59
N ILE A 98 -7.13 17.43 14.48
CA ILE A 98 -6.11 16.72 13.68
C ILE A 98 -5.89 15.33 14.26
N TYR A 99 -5.83 15.23 15.58
CA TYR A 99 -5.62 13.95 16.25
C TYR A 99 -6.70 12.96 15.83
N GLU A 100 -7.97 13.37 15.94
CA GLU A 100 -9.11 12.52 15.54
C GLU A 100 -9.11 12.05 14.09
N GLN A 101 -8.70 12.92 13.18
CA GLN A 101 -8.76 12.59 11.77
C GLN A 101 -7.52 11.84 11.29
N GLU A 102 -6.39 12.11 11.92
CA GLU A 102 -5.13 11.68 11.35
C GLU A 102 -4.30 10.76 12.23
N LYS A 103 -4.79 10.41 13.42
CA LYS A 103 -4.00 9.57 14.34
C LYS A 103 -3.76 8.17 13.76
N ASP A 104 -2.65 7.56 14.14
CA ASP A 104 -2.32 6.21 13.69
C ASP A 104 -3.17 5.16 14.43
N GLU A 105 -3.22 3.94 13.90
CA GLU A 105 -3.89 2.84 14.59
C GLU A 105 -3.24 2.55 15.95
N ASP A 106 -1.97 2.92 16.14
CA ASP A 106 -1.35 2.66 17.43
C ASP A 106 -1.74 3.74 18.44
N GLY A 107 -2.43 4.77 17.99
CA GLY A 107 -2.85 5.84 18.86
C GLY A 107 -1.99 7.11 18.87
N PHE A 108 -0.79 7.06 18.30
CA PHE A 108 0.02 8.28 18.18
C PHE A 108 -0.44 9.12 16.98
N LEU A 109 -0.24 10.42 17.10
CA LEU A 109 -0.32 11.31 15.94
C LEU A 109 1.12 11.47 15.44
N TYR A 110 1.37 11.18 14.17
CA TYR A 110 2.75 11.28 13.66
C TYR A 110 2.94 12.55 12.87
N MET A 111 4.02 13.28 13.15
CA MET A 111 4.36 14.46 12.39
C MET A 111 5.87 14.49 12.01
N VAL A 112 6.19 15.12 10.87
CA VAL A 112 7.59 15.30 10.45
C VAL A 112 7.83 16.77 10.10
N TYR A 113 9.06 17.24 10.29
CA TYR A 113 9.40 18.58 9.90
C TYR A 113 10.49 18.59 8.85
N ALA A 114 10.42 19.60 7.99
CA ALA A 114 11.29 19.72 6.85
C ALA A 114 11.62 21.20 6.61
N SER A 115 12.82 21.44 6.12
CA SER A 115 13.24 22.80 5.78
C SER A 115 12.59 23.24 4.49
N GLN A 116 12.48 24.55 4.31
CA GLN A 116 11.99 25.08 3.05
C GLN A 116 12.83 24.60 1.86
N GLU A 117 14.12 24.39 2.06
CA GLU A 117 14.97 23.93 0.95
C GLU A 117 14.59 22.53 0.46
N THR A 118 14.14 21.71 1.40
CA THR A 118 13.68 20.37 1.06
C THR A 118 12.55 20.42 0.03
N PHE A 119 11.73 21.46 0.08
CA PHE A 119 10.64 21.52 -0.87
C PHE A 119 10.90 22.55 -1.96
N GLY A 120 12.17 22.92 -2.13
CA GLY A 120 12.62 23.69 -3.28
C GLY A 120 12.52 25.19 -3.13
N PHE A 121 12.24 25.65 -1.92
CA PHE A 121 12.26 27.09 -1.65
C PHE A 121 13.59 27.46 -0.99
N ASP B 4 -5.63 -11.66 18.90
CA ASP B 4 -4.21 -11.73 18.63
C ASP B 4 -3.74 -10.81 17.50
N ARG B 5 -2.52 -10.30 17.65
CA ARG B 5 -1.82 -9.58 16.60
C ARG B 5 -0.61 -10.40 16.08
N PRO B 6 -0.26 -10.21 14.80
CA PRO B 6 0.86 -10.85 14.12
C PRO B 6 2.21 -10.60 14.80
N PHE B 7 3.13 -11.54 14.60
CA PHE B 7 4.51 -11.43 15.06
C PHE B 7 5.14 -10.07 14.75
N LYS B 8 4.86 -9.54 13.57
CA LYS B 8 5.44 -8.26 13.14
C LYS B 8 5.05 -7.11 14.06
N GLN B 9 3.93 -7.26 14.77
CA GLN B 9 3.40 -6.24 15.66
C GLN B 9 3.87 -6.43 17.11
N ARG B 10 4.34 -7.64 17.42
CA ARG B 10 4.83 -7.94 18.77
C ARG B 10 6.33 -7.65 18.91
N ARG B 11 7.02 -7.54 17.78
CA ARG B 11 8.45 -7.26 17.77
C ARG B 11 8.76 -6.13 16.83
N SER B 12 9.48 -5.13 17.29
CA SER B 12 9.84 -4.02 16.40
C SER B 12 10.63 -4.50 15.19
N PHE B 13 10.48 -3.77 14.09
CA PHE B 13 11.22 -4.00 12.88
C PHE B 13 12.71 -4.04 13.19
N ALA B 14 13.17 -3.10 14.02
CA ALA B 14 14.59 -3.05 14.41
C ALA B 14 15.08 -4.35 15.03
N ASP B 15 14.30 -4.87 15.98
CA ASP B 15 14.62 -6.13 16.64
C ASP B 15 14.59 -7.31 15.67
N ARG B 16 13.72 -7.25 14.69
CA ARG B 16 13.58 -8.38 13.78
C ARG B 16 14.80 -8.45 12.89
N CYS B 17 15.24 -7.30 12.36
CA CYS B 17 16.46 -7.22 11.56
C CYS B 17 17.65 -7.74 12.33
N LYS B 18 17.78 -7.27 13.56
CA LYS B 18 18.91 -7.64 14.39
C LYS B 18 18.92 -9.14 14.65
N GLU B 19 17.74 -9.68 14.89
CA GLU B 19 17.59 -11.10 15.16
C GLU B 19 17.96 -11.95 13.95
N VAL B 20 17.51 -11.53 12.78
CA VAL B 20 17.83 -12.27 11.57
C VAL B 20 19.34 -12.26 11.30
N GLN B 21 19.99 -11.13 11.49
CA GLN B 21 21.45 -11.04 11.31
C GLN B 21 22.24 -11.94 12.26
N GLN B 22 21.83 -12.00 13.51
CA GLN B 22 22.49 -12.84 14.49
CA GLN B 22 22.51 -12.84 14.47
C GLN B 22 22.25 -14.32 14.21
N ILE B 23 21.05 -14.64 13.71
CA ILE B 23 20.71 -16.03 13.51
C ILE B 23 21.45 -16.58 12.28
N ARG B 24 21.60 -15.73 11.27
CA ARG B 24 22.29 -16.09 10.05
C ARG B 24 23.79 -16.21 10.31
N ASP B 25 24.26 -15.44 11.29
CA ASP B 25 25.64 -15.52 11.73
C ASP B 25 25.95 -16.85 12.45
N GLN B 26 25.10 -17.23 13.40
CA GLN B 26 25.30 -18.47 14.16
C GLN B 26 24.75 -19.69 13.41
N HIS B 27 23.81 -19.45 12.50
CA HIS B 27 23.21 -20.56 11.74
C HIS B 27 23.10 -20.26 10.24
N PRO B 28 24.24 -20.19 9.55
CA PRO B 28 24.40 -19.82 8.13
C PRO B 28 23.66 -20.75 7.15
N SER B 29 23.43 -22.01 7.55
CA SER B 29 22.69 -22.95 6.68
C SER B 29 21.19 -23.08 7.04
N LYS B 30 20.68 -22.11 7.79
CA LYS B 30 19.26 -22.10 8.17
C LYS B 30 18.52 -20.90 7.60
N ILE B 31 17.30 -21.16 7.12
CA ILE B 31 16.40 -20.13 6.64
C ILE B 31 15.50 -19.75 7.82
N PRO B 32 15.49 -18.45 8.22
CA PRO B 32 14.61 -18.01 9.32
C PRO B 32 13.15 -17.80 8.89
N VAL B 33 12.25 -18.62 9.42
CA VAL B 33 10.87 -18.58 8.93
C VAL B 33 9.85 -18.29 10.04
N ILE B 34 8.99 -17.30 9.82
CA ILE B 34 7.92 -17.04 10.75
C ILE B 34 6.69 -17.77 10.22
N ILE B 35 6.12 -18.66 11.03
CA ILE B 35 4.93 -19.43 10.65
C ILE B 35 3.78 -19.24 11.64
N GLU B 36 2.69 -18.69 11.15
CA GLU B 36 1.60 -18.31 12.03
C GLU B 36 0.30 -18.83 11.48
N ARG B 37 -0.70 -18.86 12.33
CA ARG B 37 -2.01 -19.26 11.90
C ARG B 37 -2.58 -18.16 10.99
N TYR B 38 -3.24 -18.52 9.90
CA TYR B 38 -3.89 -17.54 9.04
C TYR B 38 -4.85 -16.68 9.85
N LYS B 39 -4.95 -15.40 9.49
CA LYS B 39 -5.76 -14.45 10.25
C LYS B 39 -7.20 -14.94 10.31
N GLY B 40 -7.66 -15.22 11.53
CA GLY B 40 -9.03 -15.69 11.72
C GLY B 40 -9.24 -17.20 11.58
N GLU B 41 -8.16 -17.94 11.36
CA GLU B 41 -8.19 -19.40 11.35
C GLU B 41 -8.31 -19.94 12.78
N LYS B 42 -9.30 -20.77 13.06
CA LYS B 42 -9.52 -21.25 14.41
C LYS B 42 -9.56 -22.76 14.53
N GLN B 43 -9.73 -23.44 13.40
CA GLN B 43 -9.90 -24.89 13.41
C GLN B 43 -8.53 -25.57 13.55
N LEU B 44 -7.50 -24.99 12.96
CA LEU B 44 -6.15 -25.51 13.18
C LEU B 44 -5.62 -24.90 14.48
N PRO B 45 -4.80 -25.66 15.20
CA PRO B 45 -4.25 -25.26 16.51
C PRO B 45 -3.11 -24.27 16.40
N VAL B 46 -2.76 -23.65 17.51
CA VAL B 46 -1.64 -22.72 17.56
C VAL B 46 -0.37 -23.51 17.80
N LEU B 47 0.74 -23.07 17.22
CA LEU B 47 2.01 -23.75 17.43
C LEU B 47 2.67 -23.25 18.70
N ASP B 48 3.47 -24.10 19.34
CA ASP B 48 4.19 -23.65 20.52
C ASP B 48 5.17 -22.55 20.12
N LYS B 49 5.80 -22.68 18.96
CA LYS B 49 6.75 -21.65 18.52
C LYS B 49 6.41 -21.03 17.17
N THR B 50 6.72 -19.75 17.05
CA THR B 50 6.42 -18.98 15.85
C THR B 50 7.62 -18.96 14.90
N LYS B 51 8.82 -18.89 15.47
CA LYS B 51 10.03 -18.76 14.68
C LYS B 51 10.66 -20.12 14.41
N PHE B 52 10.90 -20.40 13.15
CA PHE B 52 11.52 -21.66 12.77
C PHE B 52 12.86 -21.47 12.10
N LEU B 53 13.72 -22.44 12.31
CA LEU B 53 15.01 -22.46 11.68
C LEU B 53 15.01 -23.66 10.75
N VAL B 54 14.91 -23.39 9.45
CA VAL B 54 14.73 -24.42 8.43
C VAL B 54 15.99 -24.60 7.61
N PRO B 55 16.54 -25.84 7.61
CA PRO B 55 17.72 -26.20 6.81
C PRO B 55 17.53 -25.76 5.37
N ASP B 56 18.52 -25.05 4.81
CA ASP B 56 18.31 -24.33 3.55
C ASP B 56 18.28 -25.21 2.28
N HIS B 57 18.59 -26.50 2.41
CA HIS B 57 18.55 -27.40 1.24
C HIS B 57 17.16 -27.96 0.97
N VAL B 58 16.26 -27.78 1.92
CA VAL B 58 14.96 -28.44 1.90
C VAL B 58 14.03 -27.81 0.84
N ASN B 59 13.08 -28.57 0.29
CA ASN B 59 12.08 -27.95 -0.56
C ASN B 59 10.75 -27.77 0.16
N MET B 60 9.84 -27.02 -0.47
CA MET B 60 8.57 -26.71 0.16
C MET B 60 7.81 -27.93 0.67
N SER B 61 7.79 -29.02 -0.08
CA SER B 61 7.01 -30.19 0.35
C SER B 61 7.48 -30.74 1.71
N GLU B 62 8.77 -30.64 1.99
CA GLU B 62 9.20 -31.15 3.27
CA GLU B 62 9.33 -31.06 3.28
C GLU B 62 8.73 -30.21 4.40
N LEU B 63 8.67 -28.90 4.15
CA LEU B 63 8.20 -27.95 5.16
C LEU B 63 6.74 -28.19 5.48
N VAL B 64 5.95 -28.38 4.43
CA VAL B 64 4.57 -28.75 4.59
C VAL B 64 4.43 -30.01 5.46
N LYS B 65 5.24 -31.04 5.18
CA LYS B 65 5.10 -32.27 5.96
C LYS B 65 5.48 -32.01 7.42
N ILE B 66 6.50 -31.20 7.63
CA ILE B 66 6.90 -30.84 9.00
C ILE B 66 5.79 -30.07 9.75
N ILE B 67 5.23 -29.03 9.13
CA ILE B 67 4.20 -28.24 9.82
C ILE B 67 2.98 -29.11 10.12
N ARG B 68 2.65 -29.94 9.14
CA ARG B 68 1.56 -30.89 9.22
C ARG B 68 1.71 -31.80 10.47
N ARG B 69 2.95 -32.18 10.80
CA ARG B 69 3.18 -32.97 12.02
C ARG B 69 3.00 -32.15 13.29
N ARG B 70 3.52 -30.92 13.27
CA ARG B 70 3.40 -29.97 14.38
C ARG B 70 1.94 -29.71 14.71
N LEU B 71 1.13 -29.58 13.67
CA LEU B 71 -0.31 -29.30 13.79
C LEU B 71 -1.03 -30.55 14.26
N GLN B 72 -0.31 -31.66 14.22
N GLN B 72 -0.31 -31.67 14.30
CA GLN B 72 -0.80 -32.97 14.59
CA GLN B 72 -0.91 -32.96 14.66
C GLN B 72 -1.95 -33.41 13.69
C GLN B 72 -2.04 -33.32 13.69
N LEU B 73 -1.80 -33.07 12.41
CA LEU B 73 -2.71 -33.50 11.34
C LEU B 73 -2.24 -34.85 10.77
N ASN B 74 -3.16 -35.69 10.34
CA ASN B 74 -2.82 -36.90 9.60
C ASN B 74 -2.65 -36.59 8.10
N PRO B 75 -2.13 -37.55 7.33
CA PRO B 75 -1.97 -37.44 5.88
C PRO B 75 -3.27 -37.04 5.12
N THR B 76 -4.45 -37.48 5.61
CA THR B 76 -5.72 -37.24 4.89
C THR B 76 -6.34 -35.82 5.06
N GLN B 77 -6.01 -35.12 6.14
CA GLN B 77 -6.51 -33.75 6.38
C GLN B 77 -5.60 -32.78 5.65
N ALA B 78 -6.14 -31.99 4.74
CA ALA B 78 -5.29 -31.07 3.98
C ALA B 78 -5.39 -29.65 4.50
N PHE B 79 -4.29 -28.90 4.30
CA PHE B 79 -4.23 -27.52 4.71
C PHE B 79 -3.40 -26.68 3.76
N PHE B 80 -3.58 -25.37 3.83
CA PHE B 80 -2.78 -24.49 3.00
C PHE B 80 -1.62 -23.91 3.80
N LEU B 81 -0.44 -23.91 3.19
CA LEU B 81 0.72 -23.20 3.71
C LEU B 81 1.04 -22.10 2.74
N LEU B 82 0.68 -20.87 3.10
CA LEU B 82 0.81 -19.78 2.18
C LEU B 82 1.98 -18.93 2.58
N VAL B 83 2.65 -18.36 1.59
CA VAL B 83 3.79 -17.52 1.84
C VAL B 83 3.36 -16.07 1.82
N ASN B 84 3.88 -15.30 2.78
CA ASN B 84 3.41 -13.94 3.04
C ASN B 84 1.95 -13.94 3.43
N GLN B 85 1.14 -13.17 2.73
CA GLN B 85 -0.29 -13.11 3.06
C GLN B 85 -1.07 -14.32 2.54
N HIS B 86 -0.86 -14.69 1.28
CA HIS B 86 -1.65 -15.76 0.68
C HIS B 86 -1.02 -16.41 -0.56
N SER B 87 0.29 -16.32 -0.72
CA SER B 87 0.89 -16.82 -1.95
C SER B 87 1.08 -18.33 -1.92
N MET B 88 0.59 -18.97 -2.97
CA MET B 88 0.71 -20.42 -3.17
C MET B 88 2.05 -20.73 -3.80
N VAL B 89 2.73 -21.73 -3.26
CA VAL B 89 4.07 -22.10 -3.70
C VAL B 89 4.09 -23.58 -4.11
N SER B 90 4.69 -23.88 -5.27
CA SER B 90 4.83 -25.26 -5.71
C SER B 90 5.60 -26.09 -4.71
N VAL B 91 5.10 -27.30 -4.48
CA VAL B 91 5.67 -28.19 -3.49
C VAL B 91 7.11 -28.64 -3.87
N SER B 92 7.44 -28.52 -5.14
CA SER B 92 8.78 -28.89 -5.60
C SER B 92 9.76 -27.71 -5.48
N THR B 93 9.29 -26.55 -5.04
CA THR B 93 10.17 -25.38 -4.93
C THR B 93 11.09 -25.45 -3.69
N PRO B 94 12.41 -25.24 -3.90
CA PRO B 94 13.39 -25.18 -2.80
C PRO B 94 13.10 -24.01 -1.88
N ILE B 95 13.23 -24.21 -0.57
CA ILE B 95 12.91 -23.17 0.39
C ILE B 95 13.90 -22.00 0.26
N ALA B 96 15.13 -22.30 -0.10
CA ALA B 96 16.09 -21.26 -0.38
C ALA B 96 15.61 -20.36 -1.52
N ASP B 97 14.98 -20.93 -2.55
CA ASP B 97 14.40 -20.13 -3.63
C ASP B 97 13.25 -19.25 -3.11
N ILE B 98 12.38 -19.83 -2.28
CA ILE B 98 11.28 -19.09 -1.71
C ILE B 98 11.79 -17.90 -0.93
N TYR B 99 12.81 -18.14 -0.11
CA TYR B 99 13.40 -17.13 0.76
C TYR B 99 13.90 -15.97 -0.05
N GLU B 100 14.69 -16.31 -1.06
CA GLU B 100 15.26 -15.33 -1.94
C GLU B 100 14.21 -14.45 -2.63
N GLN B 101 13.12 -15.02 -3.10
CA GLN B 101 12.14 -14.22 -3.81
C GLN B 101 11.17 -13.51 -2.87
N GLU B 102 10.89 -14.10 -1.71
CA GLU B 102 9.76 -13.64 -0.91
C GLU B 102 10.09 -13.09 0.48
N LYS B 103 11.36 -13.05 0.85
CA LYS B 103 11.67 -12.64 2.21
C LYS B 103 11.28 -11.19 2.44
N ASP B 104 10.93 -10.89 3.67
CA ASP B 104 10.54 -9.56 4.08
C ASP B 104 11.77 -8.65 4.20
N GLU B 105 11.54 -7.34 4.30
CA GLU B 105 12.61 -6.36 4.51
C GLU B 105 13.42 -6.61 5.79
N ASP B 106 12.79 -7.23 6.78
CA ASP B 106 13.45 -7.54 8.02
C ASP B 106 14.32 -8.80 7.88
N GLY B 107 14.22 -9.50 6.75
CA GLY B 107 15.01 -10.70 6.54
C GLY B 107 14.29 -12.00 6.87
N PHE B 108 13.15 -11.93 7.56
CA PHE B 108 12.36 -13.14 7.80
C PHE B 108 11.56 -13.51 6.57
N LEU B 109 11.28 -14.80 6.44
CA LEU B 109 10.29 -15.31 5.52
C LEU B 109 8.99 -15.54 6.30
N TYR B 110 7.89 -14.95 5.84
CA TYR B 110 6.59 -15.11 6.56
C TYR B 110 5.64 -16.11 5.88
N MET B 111 5.10 -17.01 6.66
CA MET B 111 4.13 -17.97 6.16
C MET B 111 2.95 -18.06 7.13
N VAL B 112 1.78 -18.37 6.60
CA VAL B 112 0.58 -18.62 7.39
C VAL B 112 -0.04 -19.98 7.02
N TYR B 113 -0.66 -20.65 7.96
CA TYR B 113 -1.40 -21.86 7.64
C TYR B 113 -2.89 -21.70 7.90
N ALA B 114 -3.67 -22.40 7.10
CA ALA B 114 -5.11 -22.33 7.15
C ALA B 114 -5.70 -23.65 6.73
N SER B 115 -6.87 -23.95 7.28
CA SER B 115 -7.68 -25.10 6.89
C SER B 115 -8.36 -24.84 5.56
N GLN B 116 -8.66 -25.92 4.84
CA GLN B 116 -9.42 -25.80 3.61
C GLN B 116 -10.77 -25.09 3.83
N GLU B 117 -11.39 -25.31 5.00
CA GLU B 117 -12.69 -24.68 5.27
C GLU B 117 -12.57 -23.16 5.32
N THR B 118 -11.41 -22.68 5.77
CA THR B 118 -11.13 -21.25 5.73
C THR B 118 -11.25 -20.67 4.32
N PHE B 119 -10.94 -21.48 3.32
CA PHE B 119 -10.96 -21.04 1.94
C PHE B 119 -12.19 -21.52 1.17
N GLY B 120 -13.20 -21.96 1.91
CA GLY B 120 -14.50 -22.23 1.32
C GLY B 120 -14.64 -23.62 0.75
N PHE B 121 -13.70 -24.51 1.05
CA PHE B 121 -13.85 -25.88 0.62
C PHE B 121 -14.42 -26.72 1.77
N SER C 3 -18.92 27.67 -9.98
CA SER C 3 -17.73 27.19 -9.31
C SER C 3 -18.06 26.63 -7.93
N ASP C 4 -17.16 25.79 -7.41
CA ASP C 4 -17.11 25.37 -6.01
C ASP C 4 -17.74 23.98 -5.87
N ARG C 5 -17.95 23.32 -7.01
CA ARG C 5 -18.31 21.91 -7.01
C ARG C 5 -17.07 21.16 -7.48
N PRO C 6 -16.60 20.21 -6.67
CA PRO C 6 -15.43 19.48 -7.14
C PRO C 6 -15.66 18.81 -8.47
N PHE C 7 -14.59 18.81 -9.27
CA PHE C 7 -14.56 18.19 -10.55
C PHE C 7 -15.06 16.74 -10.44
N LYS C 8 -14.67 16.06 -9.37
CA LYS C 8 -15.11 14.68 -9.14
C LYS C 8 -16.64 14.56 -8.92
N GLN C 9 -17.30 15.63 -8.49
CA GLN C 9 -18.74 15.56 -8.25
C GLN C 9 -19.49 15.99 -9.51
N ARG C 10 -18.79 16.65 -10.40
CA ARG C 10 -19.39 17.12 -11.64
C ARG C 10 -19.26 16.08 -12.74
N ARG C 11 -18.37 15.11 -12.54
CA ARG C 11 -18.13 14.10 -13.56
C ARG C 11 -18.01 12.68 -13.02
N SER C 12 -18.73 11.76 -13.66
CA SER C 12 -18.66 10.34 -13.30
C SER C 12 -17.25 9.78 -13.41
N PHE C 13 -16.95 8.78 -12.57
CA PHE C 13 -15.69 8.05 -12.62
C PHE C 13 -15.39 7.48 -14.01
N ALA C 14 -16.40 6.87 -14.63
CA ALA C 14 -16.28 6.33 -16.00
C ALA C 14 -15.84 7.39 -17.02
N ASP C 15 -16.48 8.55 -16.96
CA ASP C 15 -16.15 9.66 -17.86
C ASP C 15 -14.75 10.22 -17.61
N ARG C 16 -14.31 10.25 -16.36
CA ARG C 16 -13.00 10.84 -16.04
C ARG C 16 -11.90 9.91 -16.54
N CYS C 17 -12.07 8.60 -16.32
CA CYS C 17 -11.15 7.60 -16.84
C CYS C 17 -11.00 7.69 -18.36
N LYS C 18 -12.14 7.75 -19.05
CA LYS C 18 -12.13 7.82 -20.51
C LYS C 18 -11.48 9.10 -21.01
N GLU C 19 -11.75 10.19 -20.31
CA GLU C 19 -11.21 11.46 -20.73
C GLU C 19 -9.69 11.40 -20.64
N VAL C 20 -9.19 10.89 -19.53
CA VAL C 20 -7.75 10.78 -19.36
C VAL C 20 -7.14 9.84 -20.39
N GLN C 21 -7.78 8.69 -20.60
CA GLN C 21 -7.27 7.74 -21.59
C GLN C 21 -7.22 8.35 -23.00
N GLN C 22 -8.27 9.06 -23.40
CA GLN C 22 -8.33 9.61 -24.75
C GLN C 22 -7.28 10.71 -24.99
N ILE C 23 -7.10 11.60 -24.01
CA ILE C 23 -6.21 12.73 -24.16
C ILE C 23 -4.74 12.31 -24.14
N ARG C 24 -4.43 11.25 -23.39
CA ARG C 24 -3.07 10.70 -23.29
C ARG C 24 -2.63 10.01 -24.58
N ASP C 25 -3.59 9.53 -25.37
CA ASP C 25 -3.31 8.98 -26.70
C ASP C 25 -2.82 10.10 -27.61
N GLN C 26 -3.54 11.22 -27.59
CA GLN C 26 -3.20 12.34 -28.47
C GLN C 26 -2.07 13.22 -27.92
N HIS C 27 -1.88 13.19 -26.61
CA HIS C 27 -0.87 14.03 -25.97
C HIS C 27 -0.02 13.24 -24.95
N PRO C 28 0.78 12.28 -25.43
CA PRO C 28 1.55 11.35 -24.59
C PRO C 28 2.58 12.03 -23.68
N SER C 29 3.07 13.21 -24.05
CA SER C 29 4.02 13.97 -23.22
C SER C 29 3.34 15.08 -22.38
N LYS C 30 2.02 14.97 -22.20
CA LYS C 30 1.25 15.93 -21.40
C LYS C 30 0.66 15.25 -20.17
N ILE C 31 0.68 15.94 -19.03
CA ILE C 31 0.02 15.45 -17.81
C ILE C 31 -1.35 16.09 -17.65
N PRO C 32 -2.40 15.27 -17.46
CA PRO C 32 -3.75 15.81 -17.22
C PRO C 32 -3.91 16.18 -15.76
N VAL C 33 -4.07 17.48 -15.47
CA VAL C 33 -4.08 17.97 -14.10
C VAL C 33 -5.35 18.74 -13.76
N ILE C 34 -5.99 18.36 -12.66
CA ILE C 34 -7.14 19.09 -12.16
C ILE C 34 -6.63 20.06 -11.11
N ILE C 35 -6.94 21.34 -11.28
CA ILE C 35 -6.50 22.37 -10.33
C ILE C 35 -7.67 23.15 -9.77
N GLU C 36 -7.83 23.03 -8.45
CA GLU C 36 -8.97 23.61 -7.79
C GLU C 36 -8.54 24.39 -6.56
N ARG C 37 -9.44 25.21 -6.05
CA ARG C 37 -9.18 25.92 -4.80
C ARG C 37 -9.18 24.95 -3.63
N TYR C 38 -8.26 25.16 -2.68
CA TYR C 38 -8.17 24.36 -1.47
C TYR C 38 -9.52 24.31 -0.75
N LYS C 39 -9.84 23.16 -0.16
CA LYS C 39 -11.12 22.94 0.51
C LYS C 39 -11.25 23.92 1.69
N GLY C 40 -12.24 24.80 1.64
CA GLY C 40 -12.44 25.77 2.69
C GLY C 40 -11.63 27.04 2.45
N GLU C 41 -10.98 27.09 1.30
CA GLU C 41 -10.21 28.26 0.86
C GLU C 41 -11.09 29.42 0.43
N LYS C 42 -10.85 30.60 1.01
CA LYS C 42 -11.66 31.79 0.74
C LYS C 42 -10.78 32.98 0.31
N GLN C 43 -9.48 32.88 0.60
CA GLN C 43 -8.55 34.00 0.40
C GLN C 43 -8.14 34.25 -1.05
N LEU C 44 -7.86 33.19 -1.78
CA LEU C 44 -7.48 33.29 -3.19
C LEU C 44 -8.65 33.22 -4.16
N PRO C 45 -8.52 33.87 -5.32
CA PRO C 45 -9.57 33.86 -6.33
C PRO C 45 -9.60 32.56 -7.10
N VAL C 46 -10.72 32.32 -7.77
CA VAL C 46 -10.91 31.10 -8.53
C VAL C 46 -10.32 31.20 -9.93
N LEU C 47 -9.92 30.06 -10.47
CA LEU C 47 -9.47 29.99 -11.85
C LEU C 47 -10.67 29.85 -12.77
N ASP C 48 -10.54 30.37 -13.97
CA ASP C 48 -11.61 30.27 -14.95
C ASP C 48 -11.84 28.82 -15.31
N LYS C 49 -10.74 28.08 -15.46
CA LYS C 49 -10.79 26.68 -15.88
C LYS C 49 -10.13 25.77 -14.86
N THR C 50 -10.64 24.54 -14.76
CA THR C 50 -10.14 23.54 -13.81
C THR C 50 -9.21 22.50 -14.42
N LYS C 51 -9.44 22.10 -15.66
CA LYS C 51 -8.63 21.04 -16.26
C LYS C 51 -7.46 21.59 -17.05
N PHE C 52 -6.26 21.14 -16.71
CA PHE C 52 -5.08 21.60 -17.44
C PHE C 52 -4.33 20.43 -18.09
N LEU C 53 -3.70 20.72 -19.23
CA LEU C 53 -2.78 19.80 -19.90
C LEU C 53 -1.37 20.37 -19.79
N VAL C 54 -0.55 19.76 -18.96
CA VAL C 54 0.76 20.30 -18.65
C VAL C 54 1.90 19.47 -19.24
N PRO C 55 2.82 20.12 -20.01
CA PRO C 55 4.04 19.45 -20.51
C PRO C 55 4.76 18.75 -19.37
N ASP C 56 5.10 17.48 -19.56
CA ASP C 56 5.48 16.65 -18.42
C ASP C 56 6.89 16.93 -17.93
N HIS C 57 7.65 17.63 -18.77
CA HIS C 57 9.05 17.92 -18.47
C HIS C 57 9.14 19.09 -17.50
N VAL C 58 8.02 19.78 -17.32
CA VAL C 58 7.99 21.01 -16.56
C VAL C 58 8.08 20.68 -15.07
N ASN C 59 8.58 21.62 -14.27
CA ASN C 59 8.60 21.45 -12.83
C ASN C 59 7.40 22.06 -12.17
N MET C 60 7.17 21.61 -10.94
CA MET C 60 6.07 22.06 -10.12
C MET C 60 6.17 23.59 -9.96
N SER C 61 7.40 24.09 -9.80
CA SER C 61 7.64 25.51 -9.67
C SER C 61 7.16 26.35 -10.86
N GLU C 62 7.36 25.82 -12.08
CA GLU C 62 6.97 26.51 -13.31
C GLU C 62 5.46 26.59 -13.39
N LEU C 63 4.81 25.53 -12.95
CA LEU C 63 3.35 25.45 -12.91
C LEU C 63 2.77 26.48 -11.93
N VAL C 64 3.41 26.64 -10.77
CA VAL C 64 3.03 27.67 -9.80
C VAL C 64 3.03 29.08 -10.44
N LYS C 65 4.07 29.36 -11.21
CA LYS C 65 4.24 30.65 -11.87
C LYS C 65 3.13 30.86 -12.89
N ILE C 66 2.74 29.78 -13.54
CA ILE C 66 1.64 29.84 -14.48
C ILE C 66 0.32 30.16 -13.78
N ILE C 67 0.06 29.50 -12.65
CA ILE C 67 -1.17 29.76 -11.89
C ILE C 67 -1.19 31.20 -11.33
N ARG C 68 -0.03 31.68 -10.88
CA ARG C 68 0.08 33.07 -10.41
C ARG C 68 -0.32 34.03 -11.51
N ARG C 69 0.05 33.69 -12.74
CA ARG C 69 -0.33 34.50 -13.89
C ARG C 69 -1.81 34.38 -14.28
N ARG C 70 -2.36 33.18 -14.26
CA ARG C 70 -3.79 33.01 -14.52
C ARG C 70 -4.64 33.83 -13.54
N LEU C 71 -4.26 33.74 -12.28
CA LEU C 71 -4.98 34.43 -11.21
C LEU C 71 -4.70 35.92 -11.15
N GLN C 72 -3.65 36.40 -11.83
CA GLN C 72 -3.24 37.79 -11.75
CA GLN C 72 -3.27 37.80 -11.74
C GLN C 72 -3.06 38.24 -10.29
N LEU C 73 -2.24 37.52 -9.52
CA LEU C 73 -2.08 37.80 -8.08
C LEU C 73 -1.15 38.97 -7.72
N ASN C 74 -1.44 39.61 -6.58
CA ASN C 74 -0.54 40.64 -6.05
C ASN C 74 0.63 40.00 -5.33
N PRO C 75 1.70 40.78 -5.11
CA PRO C 75 2.90 40.31 -4.42
C PRO C 75 2.58 39.64 -3.08
N THR C 76 1.60 40.19 -2.37
CA THR C 76 1.26 39.73 -1.03
C THR C 76 0.45 38.41 -1.01
N GLN C 77 -0.21 38.09 -2.11
CA GLN C 77 -0.95 36.84 -2.14
C GLN C 77 0.00 35.71 -2.52
N ALA C 78 0.26 34.83 -1.57
CA ALA C 78 1.12 33.67 -1.80
C ALA C 78 0.37 32.35 -1.71
N PHE C 79 0.82 31.36 -2.45
CA PHE C 79 0.18 30.08 -2.31
C PHE C 79 1.12 28.89 -2.52
N PHE C 80 0.69 27.75 -1.98
CA PHE C 80 1.31 26.44 -2.20
C PHE C 80 0.44 25.62 -3.14
N LEU C 81 1.07 24.77 -3.94
CA LEU C 81 0.32 23.86 -4.80
C LEU C 81 0.40 22.43 -4.22
N LEU C 82 -0.70 21.97 -3.63
CA LEU C 82 -0.72 20.70 -2.91
C LEU C 82 -1.33 19.61 -3.78
N VAL C 83 -0.84 18.39 -3.65
CA VAL C 83 -1.33 17.29 -4.45
C VAL C 83 -2.35 16.43 -3.67
N ASN C 84 -3.39 15.99 -4.38
CA ASN C 84 -4.54 15.33 -3.77
C ASN C 84 -5.25 16.26 -2.78
N GLN C 85 -5.52 15.80 -1.56
CA GLN C 85 -6.19 16.66 -0.58
C GLN C 85 -5.32 17.73 0.09
N HIS C 86 -4.12 17.35 0.50
CA HIS C 86 -3.29 18.31 1.22
C HIS C 86 -1.80 17.97 1.21
N SER C 87 -1.34 17.18 0.26
CA SER C 87 0.05 16.73 0.27
C SER C 87 1.01 17.78 -0.29
N MET C 88 2.04 18.10 0.48
CA MET C 88 3.04 19.06 0.03
C MET C 88 4.10 18.31 -0.79
N VAL C 89 4.49 18.90 -1.90
CA VAL C 89 5.46 18.30 -2.80
C VAL C 89 6.56 19.29 -3.04
N SER C 90 7.80 18.84 -3.16
CA SER C 90 8.85 19.79 -3.49
C SER C 90 8.56 20.47 -4.83
N VAL C 91 8.74 21.77 -4.83
CA VAL C 91 8.51 22.60 -5.99
C VAL C 91 9.56 22.35 -7.08
N SER C 92 10.66 21.71 -6.70
CA SER C 92 11.74 21.41 -7.64
C SER C 92 11.48 20.13 -8.42
N THR C 93 10.40 19.43 -8.09
CA THR C 93 10.06 18.17 -8.74
C THR C 93 9.42 18.31 -10.12
N PRO C 94 9.92 17.53 -11.08
CA PRO C 94 9.30 17.41 -12.41
C PRO C 94 7.90 16.83 -12.23
N ILE C 95 6.94 17.41 -12.94
CA ILE C 95 5.57 17.00 -12.77
C ILE C 95 5.40 15.56 -13.24
N ALA C 96 6.23 15.13 -14.20
CA ALA C 96 6.20 13.74 -14.65
C ALA C 96 6.43 12.82 -13.45
N ASP C 97 7.34 13.22 -12.57
CA ASP C 97 7.64 12.47 -11.35
C ASP C 97 6.46 12.46 -10.37
N ILE C 98 5.88 13.63 -10.14
CA ILE C 98 4.71 13.72 -9.26
C ILE C 98 3.54 12.88 -9.82
N TYR C 99 3.31 12.97 -11.13
CA TYR C 99 2.23 12.24 -11.76
C TYR C 99 2.37 10.74 -11.53
N GLU C 100 3.56 10.21 -11.75
CA GLU C 100 3.81 8.78 -11.57
C GLU C 100 3.47 8.34 -10.14
N GLN C 101 3.81 9.16 -9.15
CA GLN C 101 3.63 8.81 -7.73
C GLN C 101 2.25 9.11 -7.12
N GLU C 102 1.58 10.17 -7.60
CA GLU C 102 0.40 10.74 -6.94
C GLU C 102 -0.85 10.72 -7.79
N LYS C 103 -0.78 10.14 -8.98
CA LYS C 103 -1.94 10.20 -9.85
C LYS C 103 -3.11 9.48 -9.20
N ASP C 104 -4.30 9.98 -9.49
CA ASP C 104 -5.52 9.40 -8.96
C ASP C 104 -5.88 8.12 -9.72
N GLU C 105 -6.77 7.32 -9.15
CA GLU C 105 -7.23 6.10 -9.80
C GLU C 105 -7.87 6.36 -11.17
N ASP C 106 -8.47 7.53 -11.36
CA ASP C 106 -9.09 7.84 -12.64
C ASP C 106 -8.05 8.31 -13.67
N GLY C 107 -6.82 8.53 -13.23
CA GLY C 107 -5.79 8.95 -14.17
C GLY C 107 -5.46 10.44 -14.18
N PHE C 108 -6.30 11.25 -13.52
CA PHE C 108 -6.02 12.68 -13.32
C PHE C 108 -5.05 12.89 -12.16
N LEU C 109 -4.26 13.96 -12.23
CA LEU C 109 -3.50 14.39 -11.09
C LEU C 109 -4.25 15.54 -10.42
N TYR C 110 -4.57 15.39 -9.14
CA TYR C 110 -5.39 16.42 -8.50
C TYR C 110 -4.52 17.37 -7.71
N MET C 111 -4.73 18.66 -7.93
CA MET C 111 -3.98 19.67 -7.21
C MET C 111 -4.93 20.72 -6.70
N VAL C 112 -4.57 21.24 -5.56
CA VAL C 112 -5.36 22.29 -4.99
C VAL C 112 -4.39 23.42 -4.66
N TYR C 113 -4.83 24.67 -4.78
CA TYR C 113 -3.96 25.77 -4.36
C TYR C 113 -4.58 26.44 -3.14
N ALA C 114 -3.70 26.85 -2.23
CA ALA C 114 -4.09 27.35 -0.92
C ALA C 114 -3.11 28.42 -0.53
N SER C 115 -3.56 29.43 0.22
CA SER C 115 -2.62 30.48 0.62
C SER C 115 -1.61 29.93 1.58
N GLN C 116 -0.38 30.40 1.45
CA GLN C 116 0.70 30.01 2.33
C GLN C 116 0.38 30.39 3.77
N GLU C 117 -0.29 31.52 3.95
CA GLU C 117 -0.59 32.02 5.30
C GLU C 117 -1.47 31.05 6.08
N THR C 118 -2.30 30.30 5.35
CA THR C 118 -3.15 29.28 5.97
C THR C 118 -2.32 28.27 6.80
N PHE C 119 -1.07 28.07 6.36
CA PHE C 119 -0.17 27.10 6.99
C PHE C 119 0.94 27.78 7.81
N GLY C 120 0.73 29.06 8.11
CA GLY C 120 1.61 29.77 9.01
C GLY C 120 2.81 30.45 8.37
N PHE C 121 2.79 30.56 7.06
CA PHE C 121 3.78 31.31 6.31
C PHE C 121 3.20 32.68 6.02
N ARG D 5 1.81 -16.79 -25.13
CA ARG D 5 2.37 -15.67 -24.38
C ARG D 5 1.30 -14.97 -23.53
N PRO D 6 1.70 -14.43 -22.37
CA PRO D 6 0.74 -13.76 -21.47
C PRO D 6 0.00 -12.61 -22.12
N PHE D 7 -1.27 -12.48 -21.74
CA PHE D 7 -2.11 -11.40 -22.18
C PHE D 7 -1.45 -10.03 -21.97
N LYS D 8 -0.79 -9.81 -20.83
CA LYS D 8 -0.13 -8.53 -20.57
C LYS D 8 0.97 -8.22 -21.58
N GLN D 9 1.51 -9.25 -22.22
CA GLN D 9 2.57 -9.03 -23.19
C GLN D 9 2.02 -8.93 -24.62
N ARG D 10 0.76 -9.33 -24.80
CA ARG D 10 0.14 -9.25 -26.11
C ARG D 10 -0.56 -7.91 -26.28
N ARG D 11 -0.82 -7.23 -25.16
CA ARG D 11 -1.53 -5.95 -25.19
C ARG D 11 -0.79 -4.95 -24.37
N SER D 12 -0.58 -3.76 -24.94
CA SER D 12 0.05 -2.65 -24.23
C SER D 12 -0.79 -2.28 -23.01
N PHE D 13 -0.14 -1.75 -21.98
CA PHE D 13 -0.84 -1.26 -20.80
C PHE D 13 -1.93 -0.25 -21.16
N ALA D 14 -1.60 0.71 -22.01
CA ALA D 14 -2.60 1.68 -22.45
C ALA D 14 -3.80 0.97 -23.09
N ASP D 15 -3.55 0.01 -23.97
CA ASP D 15 -4.63 -0.71 -24.63
C ASP D 15 -5.51 -1.48 -23.66
N ARG D 16 -4.89 -2.01 -22.63
CA ARG D 16 -5.60 -2.85 -21.68
C ARG D 16 -6.54 -2.01 -20.82
N CYS D 17 -6.05 -0.85 -20.38
CA CYS D 17 -6.85 0.08 -19.61
C CYS D 17 -8.11 0.44 -20.36
N LYS D 18 -7.97 0.73 -21.65
CA LYS D 18 -9.09 1.13 -22.48
C LYS D 18 -10.11 0.02 -22.64
N GLU D 19 -9.66 -1.23 -22.73
CA GLU D 19 -10.59 -2.34 -22.87
C GLU D 19 -11.44 -2.44 -21.61
N VAL D 20 -10.78 -2.29 -20.47
CA VAL D 20 -11.47 -2.32 -19.18
C VAL D 20 -12.46 -1.17 -19.07
N GLN D 21 -12.02 0.00 -19.52
CA GLN D 21 -12.87 1.19 -19.49
C GLN D 21 -14.15 0.93 -20.30
N GLN D 22 -14.02 0.29 -21.45
CA GLN D 22 -15.15 -0.01 -22.33
C GLN D 22 -16.13 -0.99 -21.67
N ILE D 23 -15.55 -1.96 -20.98
CA ILE D 23 -16.35 -3.00 -20.36
C ILE D 23 -17.11 -2.44 -19.18
N ARG D 24 -16.47 -1.57 -18.43
CA ARG D 24 -17.12 -1.05 -17.24
CA ARG D 24 -17.06 -0.93 -17.26
C ARG D 24 -18.18 0.00 -17.66
N ASP D 25 -18.05 0.55 -18.86
CA ASP D 25 -19.08 1.45 -19.42
C ASP D 25 -20.33 0.71 -19.85
N GLN D 26 -20.13 -0.32 -20.67
CA GLN D 26 -21.21 -1.11 -21.25
C GLN D 26 -21.72 -2.26 -20.38
N HIS D 27 -20.88 -2.75 -19.49
CA HIS D 27 -21.23 -3.86 -18.62
C HIS D 27 -20.84 -3.55 -17.19
N PRO D 28 -21.52 -2.57 -16.59
CA PRO D 28 -21.17 -2.11 -15.24
C PRO D 28 -21.33 -3.21 -14.17
N SER D 29 -22.18 -4.21 -14.42
CA SER D 29 -22.35 -5.29 -13.45
C SER D 29 -21.49 -6.51 -13.76
N LYS D 30 -20.49 -6.33 -14.62
CA LYS D 30 -19.57 -7.40 -15.00
C LYS D 30 -18.16 -7.08 -14.54
N ILE D 31 -17.46 -8.10 -14.06
CA ILE D 31 -16.06 -7.97 -13.69
C ILE D 31 -15.21 -8.41 -14.88
N PRO D 32 -14.25 -7.57 -15.32
CA PRO D 32 -13.32 -7.98 -16.40
C PRO D 32 -12.19 -8.87 -15.88
N VAL D 33 -12.15 -10.14 -16.30
CA VAL D 33 -11.20 -11.13 -15.77
C VAL D 33 -10.37 -11.78 -16.88
N ILE D 34 -9.05 -11.78 -16.71
CA ILE D 34 -8.15 -12.53 -17.59
C ILE D 34 -7.81 -13.86 -16.92
N ILE D 35 -8.07 -14.97 -17.61
CA ILE D 35 -7.77 -16.28 -17.03
C ILE D 35 -6.81 -17.04 -17.93
N GLU D 36 -5.65 -17.40 -17.40
CA GLU D 36 -4.62 -18.05 -18.20
C GLU D 36 -4.13 -19.31 -17.48
N ARG D 37 -3.43 -20.18 -18.20
CA ARG D 37 -2.84 -21.35 -17.56
C ARG D 37 -1.62 -20.96 -16.73
N TYR D 38 -1.50 -21.54 -15.53
CA TYR D 38 -0.31 -21.36 -14.68
C TYR D 38 0.97 -21.73 -15.44
N LYS D 39 2.03 -20.97 -15.22
CA LYS D 39 3.28 -21.19 -15.95
C LYS D 39 3.86 -22.56 -15.66
N GLY D 40 3.99 -23.38 -16.70
CA GLY D 40 4.55 -24.71 -16.56
C GLY D 40 3.54 -25.81 -16.26
N GLU D 41 2.26 -25.46 -16.25
CA GLU D 41 1.19 -26.44 -16.12
C GLU D 41 1.08 -27.21 -17.43
N LYS D 42 1.06 -28.53 -17.35
CA LYS D 42 1.04 -29.32 -18.55
C LYS D 42 -0.15 -30.27 -18.54
N GLN D 43 -0.65 -30.56 -17.34
CA GLN D 43 -1.67 -31.57 -17.16
C GLN D 43 -3.05 -31.03 -17.56
N LEU D 44 -3.30 -29.77 -17.23
CA LEU D 44 -4.54 -29.12 -17.62
C LEU D 44 -4.41 -28.50 -19.01
N PRO D 45 -5.52 -28.47 -19.78
CA PRO D 45 -5.53 -27.89 -21.13
C PRO D 45 -5.61 -26.36 -21.12
N VAL D 46 -5.29 -25.76 -22.27
CA VAL D 46 -5.38 -24.31 -22.40
C VAL D 46 -6.79 -23.93 -22.82
N LEU D 47 -7.24 -22.77 -22.38
CA LEU D 47 -8.56 -22.27 -22.73
C LEU D 47 -8.53 -21.61 -24.08
N ASP D 48 -9.68 -21.66 -24.77
CA ASP D 48 -9.81 -21.02 -26.07
C ASP D 48 -9.68 -19.51 -25.92
N LYS D 49 -10.30 -18.98 -24.88
CA LYS D 49 -10.32 -17.54 -24.68
C LYS D 49 -9.68 -17.18 -23.34
N THR D 50 -9.04 -16.03 -23.31
CA THR D 50 -8.36 -15.57 -22.11
C THR D 50 -9.19 -14.56 -21.35
N LYS D 51 -9.95 -13.77 -22.09
CA LYS D 51 -10.72 -12.66 -21.54
C LYS D 51 -12.15 -13.07 -21.19
N PHE D 52 -12.53 -12.90 -19.93
CA PHE D 52 -13.88 -13.25 -19.52
C PHE D 52 -14.62 -12.07 -18.90
N LEU D 53 -15.95 -12.07 -19.05
CA LEU D 53 -16.81 -11.07 -18.42
C LEU D 53 -17.66 -11.74 -17.34
N VAL D 54 -17.36 -11.44 -16.07
CA VAL D 54 -18.02 -12.11 -14.95
C VAL D 54 -19.02 -11.26 -14.16
N PRO D 55 -20.26 -11.77 -14.01
CA PRO D 55 -21.30 -11.20 -13.15
C PRO D 55 -20.77 -10.94 -11.74
N ASP D 56 -20.97 -9.72 -11.24
CA ASP D 56 -20.30 -9.26 -10.02
C ASP D 56 -20.89 -9.80 -8.72
N HIS D 57 -22.10 -10.36 -8.80
CA HIS D 57 -22.81 -10.85 -7.60
C HIS D 57 -22.37 -12.24 -7.21
N VAL D 58 -21.67 -12.90 -8.11
CA VAL D 58 -21.26 -14.29 -8.00
C VAL D 58 -20.09 -14.49 -7.05
N ASN D 59 -19.94 -15.72 -6.55
CA ASN D 59 -18.80 -16.09 -5.72
C ASN D 59 -17.67 -16.73 -6.52
N MET D 60 -16.51 -16.86 -5.90
CA MET D 60 -15.35 -17.44 -6.57
C MET D 60 -15.66 -18.86 -7.05
N SER D 61 -16.42 -19.59 -6.23
CA SER D 61 -16.79 -20.97 -6.51
C SER D 61 -17.55 -21.12 -7.83
N GLU D 62 -18.36 -20.12 -8.18
CA GLU D 62 -19.09 -20.16 -9.43
C GLU D 62 -18.11 -20.14 -10.59
N LEU D 63 -17.10 -19.30 -10.47
CA LEU D 63 -16.10 -19.14 -11.50
C LEU D 63 -15.32 -20.43 -11.74
N VAL D 64 -14.91 -21.07 -10.66
CA VAL D 64 -14.24 -22.35 -10.74
C VAL D 64 -15.09 -23.37 -11.51
N LYS D 65 -16.37 -23.43 -11.20
CA LYS D 65 -17.29 -24.37 -11.83
C LYS D 65 -17.46 -24.14 -13.33
N ILE D 66 -17.48 -22.88 -13.71
CA ILE D 66 -17.53 -22.50 -15.11
C ILE D 66 -16.28 -22.92 -15.87
N ILE D 67 -15.10 -22.63 -15.30
CA ILE D 67 -13.84 -22.95 -15.97
C ILE D 67 -13.62 -24.45 -16.09
N ARG D 68 -13.95 -25.17 -15.02
CA ARG D 68 -13.87 -26.62 -15.02
C ARG D 68 -14.73 -27.24 -16.10
N ARG D 69 -15.90 -26.65 -16.32
CA ARG D 69 -16.78 -27.07 -17.40
C ARG D 69 -16.23 -26.62 -18.75
N ARG D 70 -15.74 -25.40 -18.77
CA ARG D 70 -15.11 -24.85 -19.96
C ARG D 70 -13.94 -25.74 -20.36
N LEU D 71 -13.15 -26.16 -19.39
CA LEU D 71 -12.00 -27.01 -19.67
C LEU D 71 -12.42 -28.44 -20.02
N GLN D 72 -13.66 -28.78 -19.70
CA GLN D 72 -14.14 -30.15 -19.91
C GLN D 72 -13.29 -31.10 -19.07
N LEU D 73 -13.05 -30.74 -17.82
CA LEU D 73 -12.25 -31.63 -17.01
C LEU D 73 -13.11 -32.79 -16.52
N ASN D 74 -12.51 -33.97 -16.52
CA ASN D 74 -13.13 -35.14 -15.93
C ASN D 74 -12.82 -35.24 -14.44
N PRO D 75 -13.53 -36.13 -13.74
CA PRO D 75 -13.40 -36.31 -12.28
C PRO D 75 -11.95 -36.32 -11.77
N THR D 76 -11.00 -36.80 -12.56
CA THR D 76 -9.63 -36.94 -12.09
C THR D 76 -8.78 -35.64 -12.08
N GLN D 77 -9.09 -34.69 -12.95
CA GLN D 77 -8.32 -33.44 -12.98
C GLN D 77 -8.85 -32.33 -12.04
N ALA D 78 -8.04 -31.94 -11.05
CA ALA D 78 -8.42 -30.88 -10.11
C ALA D 78 -7.57 -29.62 -10.27
N PHE D 79 -8.13 -28.45 -9.98
CA PHE D 79 -7.32 -27.23 -10.07
C PHE D 79 -7.67 -26.14 -9.06
N PHE D 80 -6.70 -25.26 -8.81
CA PHE D 80 -6.88 -24.03 -8.03
C PHE D 80 -6.96 -22.86 -8.98
N LEU D 81 -7.76 -21.87 -8.63
CA LEU D 81 -7.81 -20.63 -9.41
C LEU D 81 -7.13 -19.51 -8.60
N LEU D 82 -5.92 -19.15 -9.01
CA LEU D 82 -5.12 -18.23 -8.20
C LEU D 82 -5.21 -16.80 -8.74
N VAL D 83 -5.17 -15.83 -7.84
CA VAL D 83 -5.31 -14.44 -8.26
C VAL D 83 -3.95 -13.78 -8.42
N ASN D 84 -3.80 -13.02 -9.49
CA ASN D 84 -2.50 -12.51 -9.93
C ASN D 84 -1.55 -13.67 -10.26
N GLN D 85 -0.34 -13.65 -9.71
CA GLN D 85 0.65 -14.70 -9.99
C GLN D 85 0.40 -16.04 -9.27
N HIS D 86 0.05 -15.94 -7.97
CA HIS D 86 -0.15 -17.14 -7.18
C HIS D 86 -0.99 -16.97 -5.90
N SER D 87 -1.81 -15.93 -5.79
CA SER D 87 -2.55 -15.78 -4.52
C SER D 87 -3.79 -16.65 -4.44
N MET D 88 -3.91 -17.36 -3.34
CA MET D 88 -5.06 -18.20 -3.08
C MET D 88 -6.14 -17.36 -2.42
N VAL D 89 -7.37 -17.54 -2.92
CA VAL D 89 -8.52 -16.79 -2.46
C VAL D 89 -9.61 -17.75 -2.03
N SER D 90 -10.32 -17.44 -0.95
CA SER D 90 -11.43 -18.29 -0.54
C SER D 90 -12.49 -18.36 -1.65
N VAL D 91 -12.92 -19.58 -1.92
CA VAL D 91 -13.85 -19.88 -2.99
C VAL D 91 -15.26 -19.35 -2.70
N SER D 92 -15.54 -19.08 -1.43
CA SER D 92 -16.84 -18.54 -1.03
C SER D 92 -16.88 -17.01 -1.02
N THR D 93 -15.77 -16.37 -1.36
CA THR D 93 -15.73 -14.91 -1.40
C THR D 93 -16.40 -14.35 -2.66
N PRO D 94 -17.22 -13.31 -2.51
CA PRO D 94 -17.83 -12.64 -3.67
C PRO D 94 -16.77 -12.05 -4.60
N ILE D 95 -16.89 -12.27 -5.91
CA ILE D 95 -15.87 -11.83 -6.86
C ILE D 95 -15.77 -10.31 -6.91
N ALA D 96 -16.87 -9.64 -6.62
CA ALA D 96 -16.86 -8.18 -6.52
C ALA D 96 -15.85 -7.74 -5.46
N ASP D 97 -15.77 -8.50 -4.38
CA ASP D 97 -14.80 -8.27 -3.30
C ASP D 97 -13.34 -8.57 -3.69
N ILE D 98 -13.09 -9.68 -4.38
CA ILE D 98 -11.74 -9.99 -4.85
C ILE D 98 -11.23 -8.89 -5.80
N TYR D 99 -12.12 -8.46 -6.69
CA TYR D 99 -11.76 -7.46 -7.69
C TYR D 99 -11.23 -6.21 -7.03
N GLU D 100 -11.97 -5.71 -6.04
CA GLU D 100 -11.55 -4.53 -5.29
C GLU D 100 -10.18 -4.70 -4.64
N GLN D 101 -9.92 -5.87 -4.08
CA GLN D 101 -8.68 -6.12 -3.36
C GLN D 101 -7.52 -6.54 -4.26
N GLU D 102 -7.83 -7.22 -5.36
CA GLU D 102 -6.78 -7.89 -6.14
C GLU D 102 -6.66 -7.43 -7.60
N LYS D 103 -7.44 -6.44 -8.01
CA LYS D 103 -7.42 -6.04 -9.41
C LYS D 103 -6.07 -5.46 -9.79
N ASP D 104 -5.68 -5.65 -11.04
CA ASP D 104 -4.42 -5.12 -11.53
C ASP D 104 -4.51 -3.61 -11.75
N GLU D 105 -3.36 -2.97 -11.93
CA GLU D 105 -3.29 -1.56 -12.26
C GLU D 105 -4.00 -1.23 -13.57
N ASP D 106 -4.07 -2.18 -14.49
CA ASP D 106 -4.74 -1.91 -15.77
C ASP D 106 -6.28 -2.01 -15.70
N GLY D 107 -6.79 -2.41 -14.54
CA GLY D 107 -8.23 -2.54 -14.31
C GLY D 107 -8.77 -3.96 -14.43
N PHE D 108 -7.97 -4.86 -15.03
CA PHE D 108 -8.31 -6.29 -15.09
C PHE D 108 -8.01 -7.06 -13.79
N LEU D 109 -8.80 -8.10 -13.52
CA LEU D 109 -8.45 -9.09 -12.49
C LEU D 109 -7.77 -10.29 -13.17
N TYR D 110 -6.55 -10.60 -12.75
CA TYR D 110 -5.78 -11.68 -13.40
C TYR D 110 -5.85 -12.96 -12.61
N MET D 111 -6.09 -14.05 -13.32
CA MET D 111 -6.16 -15.35 -12.69
C MET D 111 -5.35 -16.39 -13.44
N VAL D 112 -4.87 -17.36 -12.68
CA VAL D 112 -4.17 -18.48 -13.26
C VAL D 112 -4.83 -19.75 -12.72
N TYR D 113 -4.89 -20.79 -13.54
CA TYR D 113 -5.41 -22.07 -13.05
C TYR D 113 -4.27 -23.08 -13.04
N ALA D 114 -4.28 -23.93 -12.01
CA ALA D 114 -3.15 -24.81 -11.79
C ALA D 114 -3.64 -26.08 -11.16
N SER D 115 -2.96 -27.19 -11.44
CA SER D 115 -3.41 -28.43 -10.84
C SER D 115 -3.16 -28.35 -9.34
N GLN D 116 -4.13 -28.87 -8.58
CA GLN D 116 -4.05 -28.86 -7.14
C GLN D 116 -2.87 -29.62 -6.58
N GLU D 117 -2.53 -30.73 -7.24
CA GLU D 117 -1.44 -31.58 -6.78
C GLU D 117 -0.10 -30.83 -6.79
N THR D 118 0.02 -29.83 -7.65
CA THR D 118 1.21 -28.96 -7.72
C THR D 118 1.58 -28.37 -6.39
N PHE D 119 0.56 -28.11 -5.59
CA PHE D 119 0.72 -27.43 -4.33
C PHE D 119 0.57 -28.40 -3.18
N GLY D 120 0.65 -29.69 -3.50
CA GLY D 120 0.66 -30.74 -2.49
C GLY D 120 -0.69 -31.31 -2.08
N PHE D 121 -1.71 -30.99 -2.87
CA PHE D 121 -3.04 -31.58 -2.67
C PHE D 121 -3.31 -32.75 -3.64
N ARG E 1 23.27 13.38 19.90
CA ARG E 1 22.21 14.06 19.15
C ARG E 1 20.94 13.23 19.04
N PRO E 2 21.06 11.98 18.53
CA PRO E 2 19.89 11.11 18.32
C PRO E 2 18.88 11.21 19.47
N PRO E 3 17.59 11.25 19.12
CA PRO E 3 16.55 11.61 20.09
C PRO E 3 16.20 10.47 21.05
N ASP E 4 15.95 10.85 22.30
CA ASP E 4 15.47 9.93 23.32
C ASP E 4 14.03 9.52 22.96
N ASP E 5 13.79 8.22 22.94
CA ASP E 5 12.46 7.64 22.68
C ASP E 5 11.73 7.33 23.98
N ALA E 6 12.43 7.45 25.10
CA ALA E 6 11.91 7.12 26.43
C ALA E 6 11.13 8.21 27.13
N VAL E 7 11.50 9.47 26.97
CA VAL E 7 10.82 10.48 27.77
C VAL E 7 9.96 11.39 26.89
N PHE E 8 8.75 11.67 27.39
CA PHE E 8 7.86 12.62 26.74
C PHE E 8 8.35 14.05 26.92
N ASP E 9 8.24 14.83 25.86
CA ASP E 9 8.42 16.27 25.92
C ASP E 9 7.05 16.84 26.22
N ILE E 10 6.85 17.27 27.46
CA ILE E 10 5.54 17.73 27.88
C ILE E 10 5.43 19.22 27.60
N ILE E 11 4.53 19.60 26.71
CA ILE E 11 4.32 21.01 26.43
C ILE E 11 3.39 21.60 27.48
N THR E 12 3.90 22.54 28.26
CA THR E 12 3.15 23.12 29.38
C THR E 12 2.29 24.31 28.95
N ASP E 13 1.36 24.65 29.83
CA ASP E 13 0.51 25.81 29.64
C ASP E 13 1.33 27.08 29.73
N GLU E 14 2.27 27.11 30.67
CA GLU E 14 3.16 28.25 30.88
C GLU E 14 3.97 28.54 29.63
N GLU E 15 4.38 27.46 28.97
CA GLU E 15 5.12 27.58 27.73
C GLU E 15 4.23 28.16 26.61
N LEU E 16 2.97 27.75 26.60
CA LEU E 16 1.99 28.25 25.65
C LEU E 16 1.70 29.73 25.90
N CYS E 17 1.63 30.10 27.17
CA CYS E 17 1.22 31.43 27.62
C CYS E 17 2.25 32.53 27.35
N GLN E 18 3.52 32.17 27.28
CA GLN E 18 4.55 33.18 27.05
C GLN E 18 4.83 33.19 25.54
N ILE E 19 5.33 34.31 25.01
CA ILE E 19 5.70 35.51 25.77
C ILE E 19 4.50 36.43 26.05
N GLN E 20 3.74 36.72 24.99
CA GLN E 20 2.48 37.46 25.07
C GLN E 20 2.63 38.79 25.83
N ASP F 4 8.25 -18.99 22.98
CA ASP F 4 7.12 -18.60 22.16
C ASP F 4 7.58 -17.67 21.02
N ASP F 5 7.88 -16.43 21.38
CA ASP F 5 8.55 -15.50 20.46
C ASP F 5 10.02 -15.45 20.83
N ALA F 6 10.37 -16.17 21.89
CA ALA F 6 11.72 -16.22 22.38
C ALA F 6 12.57 -17.25 21.62
N VAL F 7 12.19 -18.52 21.76
CA VAL F 7 12.99 -19.60 21.20
C VAL F 7 12.67 -19.95 19.75
N PHE F 8 13.72 -20.05 18.92
CA PHE F 8 13.56 -20.62 17.60
C PHE F 8 13.27 -22.10 17.66
N ASP F 9 12.38 -22.56 16.81
CA ASP F 9 12.15 -23.98 16.64
C ASP F 9 13.09 -24.52 15.55
N ILE F 10 14.14 -25.22 15.96
CA ILE F 10 15.11 -25.75 15.01
C ILE F 10 14.64 -27.10 14.43
N ILE F 11 14.43 -27.13 13.13
CA ILE F 11 14.06 -28.38 12.48
C ILE F 11 15.30 -29.26 12.26
N THR F 12 15.32 -30.41 12.94
CA THR F 12 16.47 -31.29 12.99
C THR F 12 16.57 -32.24 11.81
N ASP F 13 17.74 -32.86 11.65
CA ASP F 13 17.95 -33.80 10.56
C ASP F 13 17.19 -35.07 10.84
N GLU F 14 17.13 -35.44 12.11
CA GLU F 14 16.35 -36.58 12.55
C GLU F 14 14.89 -36.41 12.10
N GLU F 15 14.34 -35.22 12.28
CA GLU F 15 12.98 -34.96 11.83
C GLU F 15 12.85 -34.94 10.29
N LEU F 16 13.81 -34.34 9.60
CA LEU F 16 13.86 -34.46 8.15
C LEU F 16 13.82 -35.94 7.70
N CYS F 17 14.54 -36.80 8.41
CA CYS F 17 14.52 -38.23 8.10
C CYS F 17 13.12 -38.85 8.24
N GLN F 18 12.51 -38.69 9.42
CA GLN F 18 11.21 -39.32 9.68
C GLN F 18 10.13 -39.01 8.64
N ILE F 19 10.10 -37.79 8.13
CA ILE F 19 9.09 -37.39 7.13
C ILE F 19 9.35 -38.01 5.76
N GLN F 20 10.55 -38.55 5.57
CA GLN F 20 10.96 -39.01 4.24
C GLN F 20 10.18 -40.25 3.79
N GLU F 21 9.88 -41.12 4.76
CA GLU F 21 9.24 -42.41 4.51
C GLU F 21 10.06 -43.29 3.56
N SER F 22 9.51 -43.62 2.40
CA SER F 22 10.24 -44.44 1.42
C SER F 22 11.38 -43.66 0.78
N GLY F 23 11.18 -42.35 0.65
CA GLY F 23 12.16 -41.47 0.04
C GLY F 23 11.46 -40.40 -0.77
N SER F 24 12.23 -39.72 -1.60
CA SER F 24 11.69 -38.75 -2.55
C SER F 24 11.29 -39.46 -3.83
N SER F 25 10.60 -38.75 -4.72
CA SER F 25 10.16 -39.28 -6.01
C SER F 25 11.34 -39.86 -6.80
N LEU F 26 11.12 -40.96 -7.51
CA LEU F 26 12.20 -41.67 -8.22
C LEU F 26 12.15 -41.53 -9.77
N VAL F 27 13.31 -41.34 -10.39
CA VAL F 27 13.38 -41.29 -11.86
C VAL F 27 14.45 -42.27 -12.37
N PRO F 28 14.08 -43.11 -13.34
CA PRO F 28 14.98 -44.13 -13.94
C PRO F 28 16.32 -43.54 -14.41
N ASP G 4 -16.96 25.51 -17.50
CA ASP G 4 -17.54 24.18 -17.31
C ASP G 4 -16.55 23.03 -17.60
N ASP G 5 -15.31 23.36 -17.95
CA ASP G 5 -14.28 22.34 -18.12
C ASP G 5 -14.52 21.37 -19.29
N ALA G 6 -15.13 21.83 -20.38
CA ALA G 6 -15.43 20.94 -21.51
C ALA G 6 -14.16 20.56 -22.25
N VAL G 7 -13.26 21.53 -22.33
CA VAL G 7 -12.01 21.45 -23.08
C VAL G 7 -10.86 21.65 -22.10
N PHE G 8 -9.71 21.02 -22.36
CA PHE G 8 -8.51 21.28 -21.53
C PHE G 8 -7.94 22.68 -21.75
N ASP G 9 -7.45 23.26 -20.66
CA ASP G 9 -6.62 24.45 -20.74
C ASP G 9 -5.18 23.98 -20.93
N ILE G 10 -4.68 24.13 -22.14
CA ILE G 10 -3.35 23.67 -22.50
C ILE G 10 -2.25 24.68 -22.28
N ILE G 11 -1.29 24.29 -21.44
CA ILE G 11 -0.16 25.14 -21.15
C ILE G 11 0.79 25.06 -22.34
N THR G 12 0.95 26.18 -23.02
CA THR G 12 1.73 26.18 -24.25
C THR G 12 3.19 26.38 -23.93
N ASP G 13 4.04 26.05 -24.90
CA ASP G 13 5.46 26.31 -24.77
C ASP G 13 5.64 27.82 -24.78
N GLU G 14 4.83 28.51 -25.58
CA GLU G 14 4.90 29.97 -25.63
C GLU G 14 4.63 30.60 -24.27
N GLU G 15 3.66 30.06 -23.55
CA GLU G 15 3.36 30.56 -22.23
C GLU G 15 4.55 30.28 -21.31
N LEU G 16 5.19 29.13 -21.51
CA LEU G 16 6.36 28.75 -20.73
C LEU G 16 7.59 29.66 -20.98
N CYS G 17 7.81 30.10 -22.22
CA CYS G 17 8.94 30.99 -22.52
C CYS G 17 8.64 32.42 -22.11
N GLN G 18 7.51 32.65 -21.45
CA GLN G 18 7.14 33.96 -20.93
C GLN G 18 7.51 34.03 -19.46
N ILE G 19 7.75 32.84 -18.90
CA ILE G 19 8.20 32.67 -17.52
C ILE G 19 9.72 32.78 -17.40
N GLN G 20 10.17 33.98 -17.04
CA GLN G 20 11.58 34.27 -16.81
C GLN G 20 12.11 33.68 -15.49
N GLU G 21 13.42 33.83 -15.28
CA GLU G 21 14.08 33.46 -14.03
C GLU G 21 15.24 34.42 -13.74
N SER G 22 15.42 34.80 -12.47
CA SER G 22 16.41 35.82 -12.11
C SER G 22 17.84 35.32 -12.30
N ASP H 5 -7.73 -13.11 -28.47
CA ASP H 5 -8.73 -12.60 -27.54
C ASP H 5 -9.08 -11.14 -27.83
N ALA H 6 -9.63 -10.91 -29.02
CA ALA H 6 -10.05 -9.58 -29.43
C ALA H 6 -11.37 -9.28 -28.74
N VAL H 7 -12.18 -10.33 -28.58
CA VAL H 7 -13.54 -10.21 -28.04
C VAL H 7 -13.66 -10.94 -26.69
N PHE H 8 -14.44 -10.35 -25.80
CA PHE H 8 -14.71 -10.94 -24.48
C PHE H 8 -15.58 -12.20 -24.56
N ASP H 9 -15.28 -13.18 -23.72
CA ASP H 9 -16.22 -14.30 -23.53
C ASP H 9 -17.19 -13.92 -22.41
N ILE H 10 -18.42 -13.61 -22.80
CA ILE H 10 -19.41 -13.12 -21.86
C ILE H 10 -20.12 -14.31 -21.23
N ILE H 11 -19.99 -14.43 -19.91
CA ILE H 11 -20.64 -15.51 -19.16
C ILE H 11 -22.12 -15.21 -19.02
N THR H 12 -22.94 -16.02 -19.66
CA THR H 12 -24.36 -15.77 -19.77
C THR H 12 -25.15 -16.28 -18.55
N ASP H 13 -26.39 -15.83 -18.44
CA ASP H 13 -27.27 -16.27 -17.35
C ASP H 13 -27.66 -17.75 -17.43
N GLU H 14 -27.97 -18.25 -18.63
CA GLU H 14 -28.27 -19.68 -18.79
C GLU H 14 -27.06 -20.50 -18.40
N GLU H 15 -25.88 -19.97 -18.73
CA GLU H 15 -24.60 -20.59 -18.40
C GLU H 15 -24.35 -20.68 -16.88
N LEU H 16 -24.69 -19.61 -16.16
CA LEU H 16 -24.59 -19.59 -14.69
C LEU H 16 -25.59 -20.54 -14.04
N CYS H 17 -26.80 -20.66 -14.62
CA CYS H 17 -27.82 -21.54 -14.04
C CYS H 17 -27.49 -23.00 -14.19
N GLN H 18 -26.27 -23.35 -13.82
CA GLN H 18 -25.80 -24.73 -13.80
C GLN H 18 -25.87 -25.33 -12.38
N ILE H 19 -26.97 -26.00 -12.09
CA ILE H 19 -27.23 -26.51 -10.75
C ILE H 19 -26.44 -27.79 -10.50
N GLN H 20 -25.35 -27.63 -9.75
CA GLN H 20 -24.54 -28.76 -9.32
C GLN H 20 -24.79 -29.10 -7.85
C1 GOL I . -3.71 2.70 21.26
O1 GOL I . -3.80 1.57 20.38
C2 GOL I . -5.07 3.37 21.41
O2 GOL I . -5.09 4.16 22.59
C3 GOL I . -5.43 4.22 20.20
O3 GOL I . -5.74 3.44 19.06
C1 GOL J . 1.08 -11.26 -6.75
O1 GOL J . 2.21 -12.08 -6.95
C2 GOL J . -0.02 -12.08 -6.10
O2 GOL J . -0.29 -13.20 -6.91
C3 GOL J . -1.28 -11.22 -5.87
O3 GOL J . -1.59 -11.06 -4.51
H11 GOL J . 0.73 -10.88 -7.72
H12 GOL J . 1.34 -10.41 -6.13
HO1 GOL J . 2.89 -11.58 -7.43
H2 GOL J . 0.34 -12.42 -5.12
HO2 GOL J . -0.98 -13.75 -6.49
H31 GOL J . -2.12 -11.69 -6.39
H32 GOL J . -1.11 -10.24 -6.32
HO3 GOL J . -2.12 -10.25 -4.39
#